data_7N2T
#
_entry.id   7N2T
#
_cell.length_a   97.207
_cell.length_b   63.591
_cell.length_c   66.918
_cell.angle_alpha   90.000
_cell.angle_beta   91.450
_cell.angle_gamma   90.000
#
_symmetry.space_group_name_H-M   'C 1 2 1'
#
loop_
_entity.id
_entity.type
_entity.pdbx_description
1 polymer 'Cysteine synthase'
2 non-polymer 'CITRIC ACID'
3 non-polymer 'PENTAETHYLENE GLYCOL'
4 non-polymer 'PHOSPHATE ION'
5 water water
#
_entity_poly.entity_id   1
_entity_poly.type   'polypeptide(L)'
_entity_poly.pdbx_seq_one_letter_code
;MADAKSTIAKDVTELIGNTPLVYLNRVVDGCVARVAAKLEMMEPCSSV(LLP)DRIGYSMISDAENKGLITPGESVLIEP
TSGNTGIGLAFIAAAKGYRLIICMPASMSLERRTILRAFGAELVLTDPARGMKGAVQKAEEIKAKTPNSYILQQFENPAN
PKIHYETTGPEIWRGSGGKIDALVSGIGTGGTVTGAGKYLKEQNPNIKLYGVEPVESAILSGGKPGPHKIQGIGAGFIPG
VLDVNLLDEVIQVSSEESIETAKLLALKEGLLVGISSGAAAAAAIRIAKRPENAGKLIVAVFPSFGERYLSTVLFESVKR
ETENMVFEPLEHHHHHH
;
_entity_poly.pdbx_strand_id   A
#
# COMPACT_ATOMS: atom_id res chain seq x y z
N SER A 6 -4.25 -16.91 27.88
CA SER A 6 -4.17 -17.31 26.45
C SER A 6 -4.25 -16.08 25.55
N THR A 7 -3.41 -16.03 24.51
CA THR A 7 -3.38 -14.95 23.49
C THR A 7 -3.61 -15.56 22.10
N ILE A 8 -4.46 -16.58 22.00
CA ILE A 8 -4.78 -17.22 20.68
C ILE A 8 -5.77 -16.30 19.95
N ALA A 9 -5.43 -15.90 18.73
CA ALA A 9 -6.27 -15.03 17.86
C ALA A 9 -7.57 -15.76 17.50
N LYS A 10 -8.69 -15.05 17.53
CA LYS A 10 -10.03 -15.59 17.17
C LYS A 10 -9.99 -16.12 15.73
N ASP A 11 -9.36 -15.36 14.83
CA ASP A 11 -9.27 -15.65 13.38
C ASP A 11 -8.17 -14.75 12.78
N VAL A 12 -7.96 -14.85 11.47
CA VAL A 12 -6.83 -14.16 10.78
C VAL A 12 -7.01 -12.64 10.85
N THR A 13 -8.24 -12.14 11.06
CA THR A 13 -8.48 -10.66 11.11
C THR A 13 -7.74 -10.05 12.32
N GLU A 14 -7.54 -10.83 13.38
CA GLU A 14 -6.86 -10.33 14.62
C GLU A 14 -5.35 -10.43 14.48
N LEU A 15 -4.82 -10.78 13.30
CA LEU A 15 -3.37 -10.95 13.05
C LEU A 15 -2.84 -9.76 12.25
N ILE A 16 -3.71 -8.79 11.94
CA ILE A 16 -3.36 -7.65 11.05
C ILE A 16 -2.74 -6.52 11.88
N GLY A 17 -1.74 -5.85 11.31
CA GLY A 17 -1.11 -4.68 11.95
C GLY A 17 -0.09 -5.07 12.99
N ASN A 18 0.28 -4.11 13.84
N ASN A 18 0.27 -4.13 13.86
CA ASN A 18 1.33 -4.29 14.89
CA ASN A 18 1.33 -4.30 14.89
C ASN A 18 2.59 -4.87 14.23
C ASN A 18 2.60 -4.87 14.23
N THR A 19 2.99 -4.32 13.09
CA THR A 19 4.21 -4.73 12.34
C THR A 19 5.42 -4.03 12.95
N PRO A 20 6.63 -4.61 12.84
CA PRO A 20 7.80 -4.02 13.47
C PRO A 20 8.43 -2.85 12.70
N LEU A 21 9.23 -2.07 13.43
CA LEU A 21 10.22 -1.12 12.87
C LEU A 21 11.60 -1.79 12.96
N VAL A 22 12.45 -1.56 11.95
CA VAL A 22 13.85 -2.07 11.95
C VAL A 22 14.76 -0.95 11.46
N TYR A 23 15.91 -0.78 12.10
CA TYR A 23 16.96 0.16 11.61
C TYR A 23 17.56 -0.38 10.31
N LEU A 24 17.88 0.51 9.38
CA LEU A 24 18.74 0.23 8.20
C LEU A 24 20.19 0.55 8.60
N ASN A 25 21.12 -0.36 8.34
CA ASN A 25 22.49 -0.32 8.94
C ASN A 25 23.59 -0.23 7.89
N ARG A 26 23.41 -0.78 6.68
CA ARG A 26 24.51 -0.99 5.70
C ARG A 26 24.25 -0.23 4.39
N VAL A 27 23.03 0.29 4.17
CA VAL A 27 22.66 1.06 2.96
C VAL A 27 22.64 2.56 3.29
N VAL A 28 23.15 2.97 4.47
CA VAL A 28 23.01 4.37 4.98
C VAL A 28 24.36 5.08 5.11
N ASP A 29 25.37 4.66 4.34
N ASP A 29 25.37 4.66 4.34
CA ASP A 29 26.68 5.37 4.27
CA ASP A 29 26.69 5.36 4.29
C ASP A 29 26.43 6.82 3.87
C ASP A 29 26.44 6.82 3.88
N GLY A 30 26.98 7.77 4.63
CA GLY A 30 26.84 9.22 4.37
C GLY A 30 25.61 9.84 5.03
N CYS A 31 24.69 9.03 5.57
CA CYS A 31 23.48 9.53 6.28
C CYS A 31 23.88 10.12 7.63
N VAL A 32 23.37 11.32 7.95
CA VAL A 32 23.58 12.00 9.27
C VAL A 32 22.35 11.79 10.15
N ALA A 33 21.22 11.34 9.57
CA ALA A 33 20.01 10.91 10.30
C ALA A 33 19.96 9.37 10.32
N ARG A 34 19.31 8.82 11.34
CA ARG A 34 18.98 7.37 11.43
C ARG A 34 17.75 7.11 10.54
N VAL A 35 17.74 5.95 9.88
CA VAL A 35 16.58 5.51 9.03
C VAL A 35 16.08 4.19 9.60
N ALA A 36 14.77 4.13 9.88
CA ALA A 36 14.07 2.88 10.28
C ALA A 36 12.98 2.60 9.24
N ALA A 37 12.71 1.33 8.98
CA ALA A 37 11.67 0.87 8.03
C ALA A 37 10.51 0.27 8.81
N LYS A 38 9.28 0.69 8.48
CA LYS A 38 8.02 0.07 8.95
C LYS A 38 7.69 -1.10 8.01
N LEU A 39 7.77 -2.34 8.53
CA LEU A 39 7.78 -3.57 7.69
C LEU A 39 6.37 -4.11 7.50
N GLU A 40 5.64 -3.59 6.51
CA GLU A 40 4.30 -4.10 6.16
C GLU A 40 4.43 -5.45 5.44
N MET A 41 5.65 -5.86 5.10
N MET A 41 5.65 -5.87 5.09
CA MET A 41 5.96 -7.23 4.59
CA MET A 41 5.96 -7.25 4.61
C MET A 41 5.60 -8.28 5.65
C MET A 41 5.44 -8.27 5.63
N MET A 42 5.46 -7.88 6.91
N MET A 42 5.45 -7.90 6.91
CA MET A 42 5.17 -8.79 8.05
CA MET A 42 5.15 -8.82 8.05
C MET A 42 3.65 -8.98 8.22
C MET A 42 3.64 -8.96 8.25
N GLU A 43 2.82 -8.28 7.44
CA GLU A 43 1.35 -8.48 7.45
C GLU A 43 1.04 -9.92 7.03
N PRO A 44 -0.09 -10.50 7.44
CA PRO A 44 -0.38 -11.91 7.13
C PRO A 44 -0.27 -12.28 5.65
N CYS A 45 -0.70 -11.40 4.73
CA CYS A 45 -0.63 -11.63 3.27
C CYS A 45 0.41 -10.69 2.62
N SER A 46 1.35 -10.19 3.43
CA SER A 46 2.67 -9.66 3.00
C SER A 46 2.56 -8.25 2.39
N SER A 47 1.47 -7.52 2.61
CA SER A 47 1.41 -6.08 2.23
C SER A 47 0.53 -5.27 3.16
N VAL A 48 0.74 -3.96 3.12
CA VAL A 48 -0.04 -2.93 3.85
C VAL A 48 -1.54 -3.06 3.54
N ASP A 50 -3.52 -5.45 3.60
CA ASP A 50 -4.26 -6.26 4.59
C ASP A 50 -5.03 -5.33 5.53
N ARG A 51 -4.46 -4.17 5.87
CA ARG A 51 -5.09 -3.20 6.80
C ARG A 51 -6.40 -2.68 6.19
N ILE A 52 -6.40 -2.29 4.91
CA ILE A 52 -7.57 -1.61 4.29
C ILE A 52 -8.56 -2.67 3.75
N GLY A 53 -8.10 -3.87 3.41
CA GLY A 53 -8.99 -5.01 3.16
C GLY A 53 -9.89 -5.24 4.37
N TYR A 54 -9.29 -5.25 5.56
CA TYR A 54 -10.03 -5.39 6.83
C TYR A 54 -10.93 -4.17 7.05
N SER A 55 -10.37 -2.95 6.99
CA SER A 55 -11.09 -1.73 7.43
C SER A 55 -12.28 -1.46 6.51
N MET A 56 -12.13 -1.65 5.19
CA MET A 56 -13.19 -1.30 4.23
C MET A 56 -14.36 -2.29 4.35
N ILE A 57 -14.08 -3.58 4.54
CA ILE A 57 -15.14 -4.60 4.75
C ILE A 57 -15.78 -4.37 6.13
N SER A 58 -14.96 -4.22 7.17
CA SER A 58 -15.43 -4.02 8.57
CA SER A 58 -15.45 -4.04 8.57
C SER A 58 -16.33 -2.79 8.67
N ASP A 59 -15.91 -1.68 8.05
CA ASP A 59 -16.69 -0.41 8.10
C ASP A 59 -18.07 -0.62 7.47
N ALA A 60 -18.13 -1.29 6.32
CA ALA A 60 -19.40 -1.56 5.58
C ALA A 60 -20.32 -2.40 6.47
N GLU A 61 -19.78 -3.43 7.13
CA GLU A 61 -20.54 -4.30 8.08
C GLU A 61 -21.10 -3.44 9.20
N ASN A 62 -20.24 -2.61 9.81
CA ASN A 62 -20.59 -1.81 11.01
C ASN A 62 -21.70 -0.81 10.66
N LYS A 63 -21.79 -0.41 9.38
CA LYS A 63 -22.82 0.54 8.88
C LYS A 63 -24.06 -0.22 8.38
N GLY A 64 -24.06 -1.56 8.47
CA GLY A 64 -25.18 -2.42 8.06
C GLY A 64 -25.38 -2.43 6.55
N LEU A 65 -24.32 -2.19 5.78
CA LEU A 65 -24.38 -2.07 4.31
C LEU A 65 -24.19 -3.43 3.63
N ILE A 66 -23.57 -4.39 4.31
CA ILE A 66 -23.27 -5.74 3.76
C ILE A 66 -23.49 -6.81 4.83
N THR A 67 -23.78 -8.03 4.38
CA THR A 67 -24.04 -9.23 5.21
C THR A 67 -23.30 -10.41 4.58
N PRO A 68 -22.55 -11.22 5.36
CA PRO A 68 -21.91 -12.42 4.83
C PRO A 68 -22.96 -13.38 4.24
N GLY A 69 -22.69 -13.93 3.05
CA GLY A 69 -23.56 -14.90 2.37
C GLY A 69 -24.80 -14.26 1.78
N GLU A 70 -24.93 -12.93 1.86
CA GLU A 70 -25.99 -12.14 1.17
C GLU A 70 -25.34 -11.20 0.15
N SER A 71 -24.32 -10.45 0.57
CA SER A 71 -23.70 -9.36 -0.22
C SER A 71 -22.58 -9.89 -1.10
N VAL A 72 -22.47 -9.35 -2.32
CA VAL A 72 -21.34 -9.60 -3.25
C VAL A 72 -20.43 -8.37 -3.21
N LEU A 73 -19.18 -8.56 -2.77
CA LEU A 73 -18.15 -7.50 -2.74
C LEU A 73 -17.51 -7.43 -4.13
N ILE A 74 -17.22 -6.21 -4.59
CA ILE A 74 -16.60 -5.96 -5.92
C ILE A 74 -15.51 -4.92 -5.74
N GLU A 75 -14.35 -5.13 -6.35
CA GLU A 75 -13.31 -4.06 -6.44
C GLU A 75 -12.55 -4.22 -7.75
N PRO A 76 -12.36 -3.12 -8.50
CA PRO A 76 -11.41 -3.09 -9.60
C PRO A 76 -10.00 -2.86 -9.01
N THR A 77 -9.13 -3.84 -9.12
CA THR A 77 -7.75 -3.78 -8.56
C THR A 77 -6.86 -4.82 -9.24
N SER A 78 -5.67 -4.40 -9.69
CA SER A 78 -4.65 -5.26 -10.32
CA SER A 78 -4.64 -5.26 -10.33
C SER A 78 -3.51 -5.54 -9.33
N GLY A 79 -3.61 -5.00 -8.11
CA GLY A 79 -2.51 -5.02 -7.13
C GLY A 79 -2.89 -5.67 -5.82
N ASN A 80 -2.24 -5.26 -4.74
CA ASN A 80 -2.35 -5.91 -3.42
C ASN A 80 -3.72 -5.69 -2.79
N THR A 81 -4.48 -4.67 -3.20
CA THR A 81 -5.82 -4.41 -2.60
C THR A 81 -6.69 -5.65 -2.82
N GLY A 82 -6.62 -6.26 -4.00
CA GLY A 82 -7.37 -7.49 -4.30
C GLY A 82 -7.03 -8.60 -3.32
N ILE A 83 -5.74 -8.76 -2.99
CA ILE A 83 -5.28 -9.84 -2.08
C ILE A 83 -5.74 -9.53 -0.65
N GLY A 84 -5.58 -8.28 -0.21
CA GLY A 84 -6.06 -7.86 1.12
C GLY A 84 -7.54 -8.12 1.29
N LEU A 85 -8.35 -7.77 0.28
CA LEU A 85 -9.81 -8.02 0.32
C LEU A 85 -10.08 -9.53 0.28
N ALA A 86 -9.34 -10.29 -0.54
CA ALA A 86 -9.62 -11.72 -0.78
C ALA A 86 -9.45 -12.53 0.51
N PHE A 87 -8.40 -12.31 1.32
CA PHE A 87 -8.18 -13.17 2.51
C PHE A 87 -9.21 -12.79 3.58
N ILE A 88 -9.63 -11.53 3.66
CA ILE A 88 -10.67 -11.07 4.64
C ILE A 88 -12.03 -11.63 4.19
N ALA A 89 -12.34 -11.55 2.90
CA ALA A 89 -13.60 -12.08 2.31
C ALA A 89 -13.68 -13.58 2.60
N ALA A 90 -12.57 -14.30 2.45
CA ALA A 90 -12.48 -15.75 2.72
C ALA A 90 -12.85 -16.01 4.19
N ALA A 91 -12.18 -15.33 5.12
CA ALA A 91 -12.33 -15.49 6.59
C ALA A 91 -13.77 -15.17 7.02
N LYS A 92 -14.36 -14.09 6.48
CA LYS A 92 -15.68 -13.55 6.92
C LYS A 92 -16.82 -14.20 6.15
N GLY A 93 -16.53 -14.89 5.04
CA GLY A 93 -17.52 -15.63 4.24
C GLY A 93 -18.29 -14.75 3.28
N TYR A 94 -17.60 -13.82 2.60
CA TYR A 94 -18.19 -12.97 1.53
C TYR A 94 -17.78 -13.50 0.16
N ARG A 95 -18.72 -13.52 -0.78
CA ARG A 95 -18.42 -13.62 -2.23
C ARG A 95 -17.69 -12.34 -2.65
N LEU A 96 -16.58 -12.46 -3.37
CA LEU A 96 -15.76 -11.31 -3.82
C LEU A 96 -15.48 -11.45 -5.32
N ILE A 97 -15.73 -10.38 -6.07
CA ILE A 97 -15.39 -10.28 -7.52
C ILE A 97 -14.30 -9.23 -7.67
N ILE A 98 -13.16 -9.62 -8.23
CA ILE A 98 -12.04 -8.69 -8.57
C ILE A 98 -12.03 -8.49 -10.08
N CYS A 99 -12.11 -7.24 -10.52
CA CYS A 99 -11.99 -6.82 -11.95
C CYS A 99 -10.60 -6.26 -12.18
N MET A 100 -9.91 -6.76 -13.21
CA MET A 100 -8.58 -6.24 -13.58
C MET A 100 -8.34 -6.51 -15.06
N PRO A 101 -7.47 -5.72 -15.72
CA PRO A 101 -7.08 -6.01 -17.10
C PRO A 101 -6.47 -7.42 -17.20
N ALA A 102 -6.77 -8.13 -18.28
CA ALA A 102 -6.09 -9.39 -18.67
C ALA A 102 -4.60 -9.12 -18.84
N SER A 103 -3.78 -10.17 -18.86
CA SER A 103 -2.31 -10.12 -19.12
C SER A 103 -1.57 -9.48 -17.94
N MET A 104 -2.27 -9.24 -16.82
CA MET A 104 -1.67 -8.85 -15.51
C MET A 104 -1.18 -10.13 -14.81
N SER A 105 -0.20 -9.99 -13.91
CA SER A 105 0.49 -11.08 -13.18
C SER A 105 -0.44 -12.28 -12.99
N LEU A 106 -0.10 -13.42 -13.62
CA LEU A 106 -0.78 -14.73 -13.40
C LEU A 106 -0.60 -15.15 -11.94
N GLU A 107 0.53 -14.79 -11.33
CA GLU A 107 0.86 -15.14 -9.92
C GLU A 107 -0.19 -14.52 -8.98
N ARG A 108 -0.48 -13.23 -9.14
CA ARG A 108 -1.46 -12.49 -8.32
C ARG A 108 -2.85 -13.14 -8.50
N ARG A 109 -3.19 -13.51 -9.74
CA ARG A 109 -4.50 -14.13 -10.07
C ARG A 109 -4.66 -15.48 -9.35
N THR A 110 -3.59 -16.27 -9.29
N THR A 110 -3.60 -16.29 -9.28
CA THR A 110 -3.56 -17.61 -8.63
CA THR A 110 -3.62 -17.62 -8.62
C THR A 110 -3.83 -17.43 -7.13
C THR A 110 -3.83 -17.44 -7.10
N ILE A 111 -3.25 -16.39 -6.50
CA ILE A 111 -3.46 -16.09 -5.06
C ILE A 111 -4.93 -15.71 -4.84
N LEU A 112 -5.48 -14.84 -5.68
CA LEU A 112 -6.90 -14.41 -5.58
C LEU A 112 -7.80 -15.64 -5.67
N ARG A 113 -7.51 -16.55 -6.63
CA ARG A 113 -8.33 -17.77 -6.84
C ARG A 113 -8.20 -18.70 -5.64
N ALA A 114 -7.02 -18.77 -5.02
CA ALA A 114 -6.75 -19.63 -3.83
C ALA A 114 -7.70 -19.21 -2.69
N PHE A 115 -8.00 -17.92 -2.57
CA PHE A 115 -8.89 -17.36 -1.53
C PHE A 115 -10.35 -17.42 -1.98
N GLY A 116 -10.61 -17.89 -3.20
CA GLY A 116 -11.97 -18.10 -3.74
C GLY A 116 -12.58 -16.85 -4.36
N ALA A 117 -11.78 -15.80 -4.58
CA ALA A 117 -12.22 -14.61 -5.32
C ALA A 117 -12.56 -15.03 -6.76
N GLU A 118 -13.64 -14.49 -7.30
CA GLU A 118 -14.01 -14.62 -8.74
C GLU A 118 -13.28 -13.52 -9.50
N LEU A 119 -12.63 -13.87 -10.60
CA LEU A 119 -11.86 -12.90 -11.43
C LEU A 119 -12.67 -12.56 -12.68
N VAL A 120 -12.79 -11.27 -12.97
CA VAL A 120 -13.34 -10.76 -14.26
C VAL A 120 -12.22 -9.96 -14.92
N LEU A 121 -11.63 -10.52 -15.98
CA LEU A 121 -10.51 -9.91 -16.73
C LEU A 121 -11.09 -8.99 -17.81
N THR A 122 -10.50 -7.81 -17.98
CA THR A 122 -11.00 -6.75 -18.90
C THR A 122 -9.97 -6.49 -20.00
N ASP A 123 -10.38 -5.77 -21.04
CA ASP A 123 -9.55 -5.47 -22.23
C ASP A 123 -8.28 -4.74 -21.80
N PRO A 124 -7.08 -5.33 -21.98
CA PRO A 124 -5.83 -4.66 -21.61
C PRO A 124 -5.72 -3.24 -22.19
N ALA A 125 -6.23 -3.04 -23.41
CA ALA A 125 -6.22 -1.75 -24.14
C ALA A 125 -6.91 -0.63 -23.36
N ARG A 126 -7.88 -0.99 -22.50
N ARG A 126 -7.88 -0.98 -22.50
CA ARG A 126 -8.72 -0.04 -21.72
CA ARG A 126 -8.70 -0.01 -21.72
C ARG A 126 -8.10 0.20 -20.34
C ARG A 126 -8.10 0.21 -20.33
N GLY A 127 -7.08 -0.59 -19.95
CA GLY A 127 -6.33 -0.42 -18.69
C GLY A 127 -7.24 -0.44 -17.46
N MET A 128 -6.86 0.30 -16.41
CA MET A 128 -7.58 0.34 -15.11
C MET A 128 -8.99 0.93 -15.32
N LYS A 129 -9.13 1.94 -16.18
CA LYS A 129 -10.44 2.59 -16.47
C LYS A 129 -11.45 1.51 -16.91
N GLY A 130 -11.01 0.58 -17.77
CA GLY A 130 -11.84 -0.54 -18.26
C GLY A 130 -12.30 -1.43 -17.12
N ALA A 131 -11.42 -1.70 -16.15
CA ALA A 131 -11.73 -2.55 -14.97
C ALA A 131 -12.74 -1.82 -14.07
N VAL A 132 -12.56 -0.51 -13.88
CA VAL A 132 -13.48 0.33 -13.06
C VAL A 132 -14.88 0.30 -13.69
N GLN A 133 -14.97 0.50 -15.01
CA GLN A 133 -16.26 0.50 -15.76
C GLN A 133 -16.92 -0.87 -15.59
N LYS A 134 -16.17 -1.96 -15.73
CA LYS A 134 -16.70 -3.34 -15.63
C LYS A 134 -17.25 -3.56 -14.21
N ALA A 135 -16.53 -3.12 -13.18
CA ALA A 135 -16.95 -3.25 -11.76
C ALA A 135 -18.31 -2.57 -11.55
N GLU A 136 -18.49 -1.38 -12.13
CA GLU A 136 -19.74 -0.57 -11.99
CA GLU A 136 -19.74 -0.58 -12.00
C GLU A 136 -20.89 -1.32 -12.70
N GLU A 137 -20.62 -1.92 -13.84
CA GLU A 137 -21.63 -2.67 -14.65
C GLU A 137 -22.08 -3.93 -13.89
N ILE A 138 -21.14 -4.64 -13.26
CA ILE A 138 -21.46 -5.86 -12.45
C ILE A 138 -22.30 -5.43 -11.24
N LYS A 139 -21.89 -4.36 -10.56
CA LYS A 139 -22.64 -3.77 -9.41
C LYS A 139 -24.09 -3.51 -9.85
N ALA A 140 -24.29 -2.81 -10.96
CA ALA A 140 -25.62 -2.40 -11.48
C ALA A 140 -26.54 -3.61 -11.64
N LYS A 141 -26.01 -4.77 -12.07
CA LYS A 141 -26.80 -5.96 -12.44
C LYS A 141 -26.85 -6.99 -11.30
N THR A 142 -26.14 -6.72 -10.19
CA THR A 142 -26.03 -7.66 -9.04
C THR A 142 -26.69 -7.05 -7.81
N PRO A 143 -27.84 -7.58 -7.35
N PRO A 143 -27.89 -7.50 -7.41
CA PRO A 143 -28.51 -7.06 -6.16
CA PRO A 143 -28.51 -7.03 -6.16
C PRO A 143 -27.64 -7.31 -4.92
C PRO A 143 -27.62 -7.30 -4.93
N ASN A 144 -27.66 -6.39 -3.96
CA ASN A 144 -26.92 -6.50 -2.66
C ASN A 144 -25.41 -6.51 -2.92
N SER A 145 -24.95 -5.92 -4.03
CA SER A 145 -23.51 -5.81 -4.34
C SER A 145 -22.96 -4.49 -3.78
N TYR A 146 -21.66 -4.45 -3.53
CA TYR A 146 -20.97 -3.31 -2.86
C TYR A 146 -19.55 -3.21 -3.40
N ILE A 147 -19.20 -2.07 -4.00
CA ILE A 147 -17.82 -1.73 -4.45
C ILE A 147 -17.11 -1.02 -3.30
N LEU A 148 -15.91 -1.47 -2.93
CA LEU A 148 -15.17 -0.92 -1.75
C LEU A 148 -14.70 0.52 -2.06
N GLN A 149 -14.22 0.78 -3.29
CA GLN A 149 -13.78 2.12 -3.75
CA GLN A 149 -13.78 2.12 -3.75
C GLN A 149 -12.55 2.58 -2.95
N GLN A 150 -11.42 1.88 -3.09
CA GLN A 150 -10.21 2.10 -2.26
C GLN A 150 -9.69 3.54 -2.38
N PHE A 151 -9.93 4.24 -3.49
CA PHE A 151 -9.37 5.60 -3.71
C PHE A 151 -10.28 6.67 -3.07
N GLU A 152 -11.49 6.32 -2.65
CA GLU A 152 -12.50 7.29 -2.14
C GLU A 152 -12.99 6.90 -0.73
N ASN A 153 -12.73 5.67 -0.28
CA ASN A 153 -13.35 5.12 0.95
C ASN A 153 -12.61 5.67 2.18
N PRO A 154 -13.26 6.50 3.02
CA PRO A 154 -12.59 7.05 4.21
C PRO A 154 -12.05 5.99 5.20
N ALA A 155 -12.54 4.75 5.12
CA ALA A 155 -12.07 3.64 5.99
C ALA A 155 -10.60 3.32 5.68
N ASN A 156 -10.13 3.70 4.48
CA ASN A 156 -8.72 3.50 4.04
C ASN A 156 -7.81 4.35 4.93
N PRO A 157 -7.82 5.70 4.84
CA PRO A 157 -7.00 6.50 5.75
C PRO A 157 -7.35 6.30 7.23
N LYS A 158 -8.61 6.02 7.55
CA LYS A 158 -9.05 5.88 8.96
C LYS A 158 -8.25 4.77 9.64
N ILE A 159 -8.05 3.61 9.00
CA ILE A 159 -7.34 2.48 9.66
C ILE A 159 -5.88 2.89 9.92
N HIS A 160 -5.29 3.69 9.04
CA HIS A 160 -3.88 4.17 9.20
C HIS A 160 -3.80 5.20 10.34
N TYR A 161 -4.86 5.98 10.53
CA TYR A 161 -4.98 6.94 11.67
C TYR A 161 -5.10 6.14 12.99
N GLU A 162 -5.77 5.00 12.95
CA GLU A 162 -6.14 4.20 14.16
C GLU A 162 -5.04 3.21 14.54
N THR A 163 -4.22 2.75 13.58
CA THR A 163 -3.26 1.64 13.80
C THR A 163 -1.85 2.05 13.34
N THR A 164 -1.65 2.24 12.04
CA THR A 164 -0.30 2.46 11.45
C THR A 164 0.40 3.63 12.16
N GLY A 165 -0.26 4.78 12.26
CA GLY A 165 0.31 5.99 12.88
C GLY A 165 0.66 5.74 14.35
N PRO A 166 -0.33 5.35 15.19
CA PRO A 166 -0.07 5.02 16.59
C PRO A 166 1.08 4.02 16.79
N GLU A 167 1.16 2.98 15.95
CA GLU A 167 2.26 1.97 16.03
C GLU A 167 3.62 2.64 15.79
N ILE A 168 3.70 3.54 14.80
CA ILE A 168 4.99 4.22 14.47
C ILE A 168 5.36 5.15 15.62
N TRP A 169 4.39 5.89 16.15
CA TRP A 169 4.61 6.80 17.32
C TRP A 169 5.14 5.99 18.51
N ARG A 170 4.46 4.91 18.89
CA ARG A 170 4.82 4.08 20.07
C ARG A 170 6.16 3.38 19.81
N GLY A 171 6.31 2.75 18.64
CA GLY A 171 7.50 1.96 18.27
C GLY A 171 8.76 2.81 18.25
N SER A 172 8.64 4.07 17.86
CA SER A 172 9.78 5.02 17.77
C SER A 172 10.00 5.73 19.11
N GLY A 173 9.21 5.43 20.14
CA GLY A 173 9.29 6.09 21.45
C GLY A 173 9.05 7.58 21.34
N GLY A 174 8.23 8.00 20.37
CA GLY A 174 7.90 9.42 20.12
C GLY A 174 9.05 10.18 19.47
N LYS A 175 10.06 9.50 18.93
CA LYS A 175 11.32 10.13 18.42
C LYS A 175 11.25 10.34 16.90
N ILE A 176 10.26 9.80 16.20
CA ILE A 176 10.11 9.98 14.73
C ILE A 176 10.08 11.49 14.42
N ASP A 177 10.90 11.92 13.46
CA ASP A 177 10.95 13.33 12.99
C ASP A 177 10.31 13.44 11.60
N ALA A 178 10.29 12.35 10.82
CA ALA A 178 9.85 12.36 9.42
C ALA A 178 9.25 11.01 9.06
N LEU A 179 8.15 11.02 8.30
CA LEU A 179 7.56 9.81 7.68
C LEU A 179 7.76 9.91 6.17
N VAL A 180 8.31 8.86 5.57
CA VAL A 180 8.52 8.76 4.09
C VAL A 180 7.61 7.66 3.57
N SER A 181 6.68 8.01 2.68
CA SER A 181 5.58 7.12 2.25
C SER A 181 5.33 7.25 0.75
N GLY A 182 5.55 6.16 0.01
CA GLY A 182 5.09 6.03 -1.39
C GLY A 182 3.58 6.16 -1.47
N ILE A 183 3.07 6.96 -2.40
CA ILE A 183 1.62 7.28 -2.49
C ILE A 183 0.99 6.45 -3.61
N GLY A 184 0.11 5.54 -3.23
CA GLY A 184 -0.80 4.84 -4.16
C GLY A 184 -2.18 5.43 -4.05
N THR A 185 -2.95 4.99 -3.05
CA THR A 185 -4.22 5.63 -2.65
C THR A 185 -3.91 6.89 -1.84
N GLY A 186 -2.74 6.96 -1.19
CA GLY A 186 -2.40 8.03 -0.23
C GLY A 186 -3.02 7.80 1.13
N GLY A 187 -3.67 6.66 1.35
CA GLY A 187 -4.29 6.35 2.66
C GLY A 187 -3.26 6.28 3.78
N THR A 188 -2.11 5.66 3.53
CA THR A 188 -1.05 5.48 4.56
C THR A 188 -0.53 6.85 4.99
N VAL A 189 -0.05 7.67 4.05
CA VAL A 189 0.59 8.97 4.42
C VAL A 189 -0.48 9.88 5.05
N THR A 190 -1.72 9.84 4.58
CA THR A 190 -2.81 10.72 5.07
C THR A 190 -3.21 10.31 6.48
N GLY A 191 -3.56 9.04 6.70
CA GLY A 191 -4.04 8.54 8.00
C GLY A 191 -2.95 8.54 9.05
N ALA A 192 -1.81 7.89 8.76
CA ALA A 192 -0.67 7.80 9.71
C ALA A 192 -0.09 9.20 9.91
N GLY A 193 0.06 9.96 8.82
CA GLY A 193 0.63 11.32 8.86
C GLY A 193 -0.20 12.24 9.75
N LYS A 194 -1.52 12.23 9.59
CA LYS A 194 -2.46 13.06 10.38
C LYS A 194 -2.29 12.74 11.86
N TYR A 195 -2.29 11.47 12.23
CA TYR A 195 -2.09 11.04 13.64
C TYR A 195 -0.74 11.57 14.16
N LEU A 196 0.33 11.39 13.39
CA LEU A 196 1.70 11.73 13.82
C LEU A 196 1.81 13.25 14.05
N LYS A 197 1.23 14.06 13.16
CA LYS A 197 1.28 15.54 13.26
C LYS A 197 0.44 16.01 14.46
N GLU A 198 -0.54 15.22 14.90
CA GLU A 198 -1.32 15.51 16.14
C GLU A 198 -0.44 15.26 17.38
N GLN A 199 0.48 14.29 17.33
CA GLN A 199 1.38 13.97 18.47
C GLN A 199 2.53 14.99 18.51
N ASN A 200 3.06 15.33 17.35
CA ASN A 200 4.18 16.29 17.19
C ASN A 200 3.98 17.05 15.90
N PRO A 201 3.49 18.32 15.95
CA PRO A 201 3.19 19.08 14.73
C PRO A 201 4.43 19.43 13.88
N ASN A 202 5.64 19.22 14.42
N ASN A 202 5.64 19.22 14.42
CA ASN A 202 6.93 19.48 13.74
CA ASN A 202 6.92 19.49 13.73
C ASN A 202 7.33 18.30 12.85
C ASN A 202 7.32 18.31 12.85
N ILE A 203 6.64 17.16 12.95
CA ILE A 203 6.94 15.97 12.09
C ILE A 203 6.70 16.35 10.64
N LYS A 204 7.62 15.98 9.74
CA LYS A 204 7.53 16.28 8.29
C LYS A 204 7.10 15.02 7.54
N LEU A 205 6.15 15.16 6.61
CA LEU A 205 5.60 14.06 5.80
C LEU A 205 6.11 14.19 4.37
N TYR A 206 6.84 13.18 3.89
CA TYR A 206 7.42 13.10 2.53
C TYR A 206 6.66 12.05 1.73
N GLY A 207 5.89 12.51 0.74
CA GLY A 207 5.29 11.64 -0.29
C GLY A 207 6.34 11.20 -1.28
N VAL A 208 6.25 9.95 -1.76
CA VAL A 208 7.17 9.46 -2.83
C VAL A 208 6.33 9.07 -4.04
N GLU A 209 6.75 9.54 -5.23
N GLU A 209 6.76 9.53 -5.23
CA GLU A 209 6.09 9.20 -6.52
CA GLU A 209 6.11 9.24 -6.53
C GLU A 209 7.17 8.90 -7.55
C GLU A 209 7.19 8.83 -7.52
N PRO A 210 6.84 8.13 -8.62
CA PRO A 210 7.81 7.84 -9.68
C PRO A 210 8.15 9.11 -10.47
N VAL A 211 9.40 9.19 -10.97
CA VAL A 211 9.85 10.27 -11.88
C VAL A 211 8.96 10.25 -13.13
N GLU A 212 8.55 9.04 -13.54
CA GLU A 212 7.89 8.75 -14.84
C GLU A 212 6.40 9.13 -14.78
N SER A 213 5.85 9.35 -13.58
CA SER A 213 4.44 9.74 -13.34
C SER A 213 4.33 10.65 -12.11
N ALA A 214 5.00 11.80 -12.14
CA ALA A 214 5.16 12.74 -11.00
C ALA A 214 4.03 13.79 -11.03
N ILE A 215 2.78 13.34 -10.85
CA ILE A 215 1.57 14.20 -11.02
C ILE A 215 1.44 15.18 -9.85
N LEU A 216 1.91 14.79 -8.65
CA LEU A 216 1.88 15.68 -7.44
C LEU A 216 2.93 16.80 -7.60
N SER A 217 3.93 16.59 -8.45
CA SER A 217 5.04 17.57 -8.73
C SER A 217 4.69 18.45 -9.94
N GLY A 218 3.56 18.19 -10.61
CA GLY A 218 3.09 18.96 -11.77
C GLY A 218 3.48 18.30 -13.10
N GLY A 219 3.96 17.05 -13.05
CA GLY A 219 4.29 16.24 -14.24
C GLY A 219 3.05 15.59 -14.83
N LYS A 220 3.17 15.02 -16.03
CA LYS A 220 2.08 14.30 -16.75
C LYS A 220 1.99 12.87 -16.20
N PRO A 221 0.79 12.25 -16.23
CA PRO A 221 0.67 10.81 -15.95
C PRO A 221 1.39 9.99 -17.04
N GLY A 222 2.12 8.94 -16.64
CA GLY A 222 2.89 8.08 -17.56
C GLY A 222 3.06 6.67 -17.01
N PRO A 223 3.49 5.70 -17.86
CA PRO A 223 3.77 4.35 -17.40
C PRO A 223 5.08 4.28 -16.59
N HIS A 224 5.12 3.42 -15.57
CA HIS A 224 6.28 3.21 -14.67
C HIS A 224 6.21 1.82 -14.04
N LYS A 225 7.35 1.31 -13.56
CA LYS A 225 7.51 -0.10 -13.10
C LYS A 225 7.29 -0.21 -11.60
N ILE A 226 6.96 0.88 -10.90
CA ILE A 226 6.88 0.91 -9.41
C ILE A 226 5.46 0.52 -8.98
N GLN A 227 5.20 -0.79 -8.91
CA GLN A 227 3.91 -1.39 -8.49
CA GLN A 227 3.89 -1.36 -8.52
C GLN A 227 3.47 -0.76 -7.17
N GLY A 228 2.24 -0.25 -7.11
CA GLY A 228 1.61 0.23 -5.86
C GLY A 228 1.61 1.74 -5.73
N ILE A 229 2.45 2.47 -6.47
CA ILE A 229 2.48 3.97 -6.39
C ILE A 229 2.32 4.57 -7.80
N GLY A 230 2.17 5.89 -7.88
CA GLY A 230 2.02 6.62 -9.15
C GLY A 230 0.74 6.26 -9.88
N ALA A 231 -0.42 6.51 -9.26
CA ALA A 231 -1.76 6.20 -9.79
C ALA A 231 -2.08 7.08 -11.00
N GLY A 232 -1.43 8.26 -11.10
CA GLY A 232 -1.58 9.19 -12.24
C GLY A 232 -2.72 10.17 -12.03
N PHE A 233 -3.31 10.19 -10.83
CA PHE A 233 -4.37 11.16 -10.42
C PHE A 233 -4.25 11.38 -8.90
N ILE A 234 -4.95 12.39 -8.38
CA ILE A 234 -5.00 12.69 -6.92
C ILE A 234 -6.20 11.93 -6.33
N PRO A 235 -5.97 10.84 -5.56
CA PRO A 235 -7.07 10.12 -4.92
C PRO A 235 -7.88 10.99 -3.96
N GLY A 236 -9.18 10.72 -3.88
CA GLY A 236 -10.11 11.36 -2.92
C GLY A 236 -9.61 11.25 -1.49
N VAL A 237 -8.97 10.14 -1.14
CA VAL A 237 -8.55 9.85 0.28
C VAL A 237 -7.20 10.50 0.57
N LEU A 238 -6.47 10.99 -0.44
CA LEU A 238 -5.18 11.70 -0.23
C LEU A 238 -5.45 13.14 0.17
N ASP A 239 -4.93 13.57 1.32
CA ASP A 239 -4.95 14.99 1.76
C ASP A 239 -3.61 15.61 1.39
N VAL A 240 -3.53 16.26 0.22
CA VAL A 240 -2.28 16.84 -0.34
C VAL A 240 -1.75 17.91 0.62
N ASN A 241 -2.63 18.56 1.38
CA ASN A 241 -2.27 19.67 2.30
C ASN A 241 -1.42 19.16 3.47
N LEU A 242 -1.47 17.87 3.79
CA LEU A 242 -0.64 17.26 4.87
C LEU A 242 0.79 17.02 4.39
N LEU A 243 1.03 16.94 3.08
CA LEU A 243 2.37 16.63 2.50
C LEU A 243 3.28 17.86 2.65
N ASP A 244 4.50 17.65 3.11
CA ASP A 244 5.50 18.74 3.31
C ASP A 244 6.45 18.78 2.11
N GLU A 245 6.63 17.66 1.42
CA GLU A 245 7.48 17.54 0.21
C GLU A 245 7.11 16.26 -0.54
N VAL A 246 7.22 16.29 -1.86
CA VAL A 246 7.11 15.08 -2.72
C VAL A 246 8.49 14.80 -3.32
N ILE A 247 9.02 13.59 -3.05
CA ILE A 247 10.31 13.08 -3.59
C ILE A 247 9.98 12.22 -4.82
N GLN A 248 10.66 12.48 -5.93
CA GLN A 248 10.58 11.64 -7.15
C GLN A 248 11.74 10.64 -7.13
N VAL A 249 11.43 9.36 -7.35
CA VAL A 249 12.46 8.28 -7.48
C VAL A 249 12.17 7.54 -8.79
N SER A 250 13.22 7.25 -9.56
CA SER A 250 13.11 6.50 -10.84
C SER A 250 12.83 5.02 -10.53
N SER A 251 12.21 4.30 -11.46
CA SER A 251 12.05 2.82 -11.36
C SER A 251 13.43 2.17 -11.22
N GLU A 252 14.43 2.66 -11.98
CA GLU A 252 15.81 2.11 -11.95
C GLU A 252 16.39 2.23 -10.54
N GLU A 253 16.27 3.39 -9.91
CA GLU A 253 16.83 3.66 -8.56
C GLU A 253 16.07 2.81 -7.53
N SER A 254 14.76 2.66 -7.70
CA SER A 254 13.88 1.84 -6.82
C SER A 254 14.33 0.38 -6.88
N ILE A 255 14.56 -0.15 -8.08
CA ILE A 255 14.99 -1.56 -8.28
C ILE A 255 16.39 -1.73 -7.66
N GLU A 256 17.32 -0.80 -7.90
CA GLU A 256 18.69 -0.91 -7.35
C GLU A 256 18.64 -0.89 -5.82
N THR A 257 17.80 -0.04 -5.23
CA THR A 257 17.71 0.11 -3.75
C THR A 257 17.09 -1.17 -3.16
N ALA A 258 16.05 -1.71 -3.80
CA ALA A 258 15.42 -2.99 -3.37
C ALA A 258 16.47 -4.10 -3.41
N LYS A 259 17.31 -4.15 -4.45
CA LYS A 259 18.38 -5.16 -4.58
C LYS A 259 19.37 -5.03 -3.41
N LEU A 260 19.78 -3.80 -3.08
CA LEU A 260 20.76 -3.55 -1.98
C LEU A 260 20.12 -3.89 -0.63
N LEU A 261 18.83 -3.63 -0.44
CA LEU A 261 18.14 -3.97 0.84
C LEU A 261 18.21 -5.49 1.07
N ALA A 262 18.01 -6.29 0.03
CA ALA A 262 18.08 -7.77 0.13
C ALA A 262 19.52 -8.20 0.42
N LEU A 263 20.49 -7.65 -0.33
CA LEU A 263 21.91 -8.09 -0.27
C LEU A 263 22.55 -7.66 1.06
N LYS A 264 22.20 -6.48 1.57
CA LYS A 264 22.96 -5.80 2.66
C LYS A 264 22.18 -5.84 3.97
N GLU A 265 20.85 -5.86 3.95
CA GLU A 265 20.00 -5.82 5.17
C GLU A 265 19.29 -7.16 5.38
N GLY A 266 19.28 -8.05 4.37
CA GLY A 266 18.47 -9.26 4.40
C GLY A 266 16.98 -8.94 4.41
N LEU A 267 16.59 -7.81 3.81
CA LEU A 267 15.17 -7.37 3.68
C LEU A 267 14.76 -7.53 2.21
N LEU A 268 13.96 -8.56 1.92
CA LEU A 268 13.41 -8.81 0.56
C LEU A 268 12.09 -8.04 0.43
N VAL A 269 12.11 -6.94 -0.31
CA VAL A 269 10.98 -5.97 -0.34
C VAL A 269 10.56 -5.68 -1.78
N GLY A 270 9.33 -5.20 -1.94
CA GLY A 270 8.78 -4.77 -3.23
C GLY A 270 9.51 -3.56 -3.75
N ILE A 271 9.35 -3.28 -5.04
CA ILE A 271 10.03 -2.13 -5.72
CA ILE A 271 10.05 -2.14 -5.69
C ILE A 271 9.61 -0.82 -5.04
N SER A 272 8.35 -0.72 -4.58
CA SER A 272 7.86 0.52 -3.93
C SER A 272 8.58 0.75 -2.59
N SER A 273 9.03 -0.33 -1.92
CA SER A 273 9.85 -0.23 -0.68
C SER A 273 11.23 0.32 -1.05
N GLY A 274 11.78 -0.12 -2.19
CA GLY A 274 13.01 0.44 -2.78
C GLY A 274 12.87 1.94 -2.98
N ALA A 275 11.74 2.39 -3.54
CA ALA A 275 11.45 3.82 -3.78
C ALA A 275 11.46 4.57 -2.45
N ALA A 276 10.70 4.09 -1.46
CA ALA A 276 10.59 4.73 -0.14
C ALA A 276 11.96 4.78 0.53
N ALA A 277 12.75 3.71 0.46
CA ALA A 277 14.11 3.63 1.04
C ALA A 277 15.04 4.64 0.36
N ALA A 278 15.03 4.68 -0.97
CA ALA A 278 15.87 5.61 -1.76
C ALA A 278 15.58 7.05 -1.31
N ALA A 279 14.30 7.40 -1.18
CA ALA A 279 13.85 8.75 -0.75
C ALA A 279 14.31 9.02 0.68
N ALA A 280 14.14 8.07 1.59
CA ALA A 280 14.47 8.23 3.02
C ALA A 280 15.99 8.42 3.17
N ILE A 281 16.78 7.67 2.41
CA ILE A 281 18.28 7.71 2.47
C ILE A 281 18.73 9.09 1.99
N ARG A 282 18.13 9.60 0.92
CA ARG A 282 18.44 10.94 0.38
C ARG A 282 18.14 12.00 1.47
N ILE A 283 16.96 11.92 2.09
CA ILE A 283 16.53 12.88 3.15
C ILE A 283 17.52 12.80 4.31
N ALA A 284 17.96 11.60 4.67
CA ALA A 284 18.82 11.33 5.83
C ALA A 284 20.25 11.82 5.57
N LYS A 285 20.62 12.03 4.30
CA LYS A 285 21.94 12.60 3.91
C LYS A 285 21.93 14.13 3.96
N ARG A 286 20.76 14.77 4.04
CA ARG A 286 20.69 16.27 4.11
C ARG A 286 21.24 16.70 5.46
N PRO A 287 22.25 17.59 5.52
CA PRO A 287 22.91 17.93 6.78
C PRO A 287 21.97 18.57 7.82
N GLU A 288 20.91 19.25 7.36
CA GLU A 288 19.89 19.89 8.22
C GLU A 288 19.07 18.81 8.96
N ASN A 289 19.26 17.53 8.64
CA ASN A 289 18.54 16.42 9.31
C ASN A 289 19.46 15.63 10.26
N ALA A 290 20.65 16.14 10.56
CA ALA A 290 21.62 15.46 11.46
C ALA A 290 20.92 15.11 12.78
N GLY A 291 21.07 13.85 13.22
CA GLY A 291 20.61 13.38 14.55
C GLY A 291 19.14 13.01 14.57
N LYS A 292 18.42 13.18 13.47
CA LYS A 292 16.95 12.93 13.39
C LYS A 292 16.69 11.45 13.13
N LEU A 293 15.44 11.02 13.34
CA LEU A 293 14.95 9.66 12.98
C LEU A 293 13.97 9.80 11.81
N ILE A 294 14.32 9.20 10.68
CA ILE A 294 13.48 9.13 9.44
C ILE A 294 12.87 7.73 9.40
N VAL A 295 11.54 7.64 9.31
CA VAL A 295 10.83 6.33 9.18
C VAL A 295 10.27 6.22 7.77
N ALA A 296 10.68 5.18 7.04
CA ALA A 296 10.18 4.82 5.70
C ALA A 296 9.17 3.69 5.83
N VAL A 297 8.03 3.81 5.17
CA VAL A 297 7.07 2.67 5.07
C VAL A 297 7.56 1.74 3.95
N PHE A 298 7.74 0.45 4.25
CA PHE A 298 8.04 -0.61 3.26
C PHE A 298 6.73 -1.39 3.03
N PRO A 299 5.95 -1.04 1.99
CA PRO A 299 4.59 -1.56 1.87
C PRO A 299 4.42 -3.07 1.69
N SER A 300 5.42 -3.79 1.15
CA SER A 300 5.21 -5.21 0.76
C SER A 300 6.52 -6.01 0.78
N PHE A 301 6.37 -7.33 0.95
CA PHE A 301 7.46 -8.33 0.81
C PHE A 301 7.82 -8.43 -0.67
N GLY A 302 9.05 -8.85 -0.98
CA GLY A 302 9.62 -8.80 -2.33
C GLY A 302 9.43 -10.09 -3.13
N GLU A 303 8.89 -11.14 -2.52
CA GLU A 303 8.73 -12.45 -3.19
C GLU A 303 7.71 -12.33 -4.33
N ARG A 304 6.61 -11.60 -4.09
CA ARG A 304 5.53 -11.38 -5.09
C ARG A 304 6.13 -10.77 -6.36
N TYR A 305 6.96 -9.73 -6.20
CA TYR A 305 7.63 -9.01 -7.33
C TYR A 305 8.57 -9.95 -8.07
N LEU A 306 9.47 -10.64 -7.36
CA LEU A 306 10.47 -11.57 -7.96
C LEU A 306 9.73 -12.65 -8.76
N SER A 307 8.60 -13.14 -8.24
CA SER A 307 7.73 -14.14 -8.90
C SER A 307 7.10 -13.52 -10.15
N THR A 308 6.54 -12.31 -10.03
CA THR A 308 5.89 -11.53 -11.12
C THR A 308 6.88 -11.30 -12.26
N VAL A 309 8.07 -10.78 -11.93
CA VAL A 309 9.17 -10.47 -12.91
C VAL A 309 9.56 -11.75 -13.65
N LEU A 310 9.73 -12.86 -12.91
CA LEU A 310 10.20 -14.16 -13.46
C LEU A 310 9.18 -14.70 -14.48
N PHE A 311 7.88 -14.49 -14.23
CA PHE A 311 6.77 -14.88 -15.13
C PHE A 311 6.73 -13.93 -16.35
N GLU A 312 6.82 -12.62 -16.11
CA GLU A 312 6.82 -11.56 -17.16
C GLU A 312 8.01 -11.78 -18.11
N SER A 313 9.17 -12.14 -17.56
CA SER A 313 10.41 -12.46 -18.31
C SER A 313 10.21 -13.76 -19.12
N VAL A 314 9.76 -14.83 -18.45
CA VAL A 314 9.48 -16.16 -19.06
C VAL A 314 8.07 -16.13 -19.67
#